data_3P01
#
_entry.id   3P01
#
_cell.length_a   111.876
_cell.length_b   111.876
_cell.length_c   112.837
_cell.angle_alpha   90.000
_cell.angle_beta   90.000
_cell.angle_gamma   120.000
#
_symmetry.space_group_name_H-M   'P 32 2 1'
#
loop_
_entity.id
_entity.type
_entity.pdbx_description
1 polymer 'Two-component response regulator'
2 water water
#
_entity_poly.entity_id   1
_entity_poly.type   'polypeptide(L)'
_entity_poly.pdbx_seq_one_letter_code
;SNAVVQRAAETYDLLKQRTEELRRANAQ(MSE)SLLTVLVQVTQASNSLEAILTPIATAFAESFAVNACILQ(MSE)LEG
QTLSTIQGFYSQQGTVNNWLNQDPLTNEAIATGQIQVAANIAKDPKLASISQYQDNGIQSHVVIPITYRNE(MSE)LGVL
SLQWQQPISLREDELTLIHLSAQLVAIALTSSRCSL
;
_entity_poly.pdbx_strand_id   A,B,C
#
# COMPACT_ATOMS: atom_id res chain seq x y z
N GLN A 6 25.42 16.19 -16.79
CA GLN A 6 25.64 17.63 -16.46
C GLN A 6 25.21 17.96 -15.02
N ARG A 7 25.71 19.10 -14.50
CA ARG A 7 25.40 19.57 -13.14
C ARG A 7 23.94 19.98 -12.95
N ALA A 8 23.18 19.98 -14.06
CA ALA A 8 21.73 20.21 -14.03
C ALA A 8 20.95 18.90 -13.74
N ALA A 9 21.64 17.76 -13.76
CA ALA A 9 21.08 16.46 -13.36
C ALA A 9 21.36 16.17 -11.88
N GLU A 10 22.37 16.84 -11.33
CA GLU A 10 22.69 16.83 -9.90
C GLU A 10 21.91 17.92 -9.13
N THR A 11 20.85 18.41 -9.77
CA THR A 11 19.90 19.32 -9.15
C THR A 11 18.59 18.57 -8.93
N TYR A 12 18.37 17.54 -9.75
CA TYR A 12 17.27 16.59 -9.53
C TYR A 12 17.63 15.70 -8.35
N ASP A 13 18.92 15.43 -8.19
CA ASP A 13 19.41 14.68 -7.02
C ASP A 13 19.27 15.45 -5.68
N LEU A 14 19.20 16.78 -5.74
CA LEU A 14 19.13 17.62 -4.53
C LEU A 14 17.74 18.18 -4.23
N LEU A 15 16.86 18.24 -5.22
CA LEU A 15 15.46 18.55 -4.95
C LEU A 15 14.76 17.31 -4.42
N LYS A 16 15.04 16.17 -5.05
CA LYS A 16 14.53 14.87 -4.58
C LYS A 16 15.01 14.56 -3.17
N GLN A 17 16.13 15.18 -2.79
CA GLN A 17 16.68 15.03 -1.45
C GLN A 17 15.98 15.94 -0.46
N ARG A 18 15.81 17.22 -0.82
CA ARG A 18 15.14 18.20 0.05
C ARG A 18 13.71 17.80 0.33
N THR A 19 13.00 17.38 -0.71
CA THR A 19 11.59 17.08 -0.59
C THR A 19 11.41 15.92 0.39
N GLU A 20 12.31 14.95 0.35
CA GLU A 20 12.19 13.80 1.24
C GLU A 20 12.43 14.24 2.69
N GLU A 21 13.43 15.10 2.87
CA GLU A 21 13.69 15.67 4.16
C GLU A 21 12.52 16.51 4.64
N LEU A 22 11.93 17.28 3.74
CA LEU A 22 10.77 18.07 4.07
C LEU A 22 9.62 17.16 4.48
N ARG A 23 9.39 16.12 3.69
CA ARG A 23 8.34 15.12 3.96
C ARG A 23 8.53 14.62 5.38
N ARG A 24 9.76 14.21 5.69
CA ARG A 24 10.09 13.66 7.00
C ARG A 24 9.82 14.63 8.12
N ALA A 25 10.28 15.87 7.96
CA ALA A 25 10.10 16.91 8.99
C ALA A 25 8.61 17.20 9.22
N ASN A 26 7.84 17.24 8.15
CA ASN A 26 6.41 17.45 8.27
C ASN A 26 5.72 16.32 9.06
N ALA A 27 6.19 15.09 8.85
CA ALA A 27 5.61 13.92 9.50
C ALA A 27 5.93 13.94 10.99
N GLN A 28 7.10 14.47 11.32
CA GLN A 28 7.44 14.66 12.71
C GLN A 28 6.51 15.68 13.36
N SER A 30 3.68 16.50 12.49
CA SER A 30 2.34 16.00 12.49
C SER A 30 2.04 15.10 13.70
N LEU A 31 2.97 14.21 14.04
CA LEU A 31 2.84 13.40 15.23
C LEU A 31 2.79 14.28 16.47
N LEU A 32 3.67 15.28 16.56
CA LEU A 32 3.66 16.13 17.76
C LEU A 32 2.38 16.96 17.85
N THR A 33 1.87 17.39 16.71
CA THR A 33 0.64 18.14 16.69
C THR A 33 -0.48 17.26 17.24
N VAL A 34 -0.63 16.05 16.69
CA VAL A 34 -1.70 15.14 17.14
C VAL A 34 -1.60 14.85 18.64
N LEU A 35 -0.40 14.57 19.15
CA LEU A 35 -0.25 14.35 20.58
C LEU A 35 -0.70 15.52 21.46
N VAL A 36 -0.43 16.73 21.01
CA VAL A 36 -0.83 17.88 21.79
C VAL A 36 -2.36 17.99 21.76
N GLN A 37 -2.93 17.90 20.57
CA GLN A 37 -4.38 17.97 20.37
C GLN A 37 -5.12 16.95 21.22
N VAL A 38 -4.71 15.70 21.11
CA VAL A 38 -5.32 14.63 21.89
C VAL A 38 -5.28 14.96 23.37
N THR A 39 -4.17 15.50 23.84
CA THR A 39 -4.04 15.78 25.25
C THR A 39 -5.05 16.86 25.63
N GLN A 40 -5.18 17.87 24.78
CA GLN A 40 -6.06 18.97 25.09
C GLN A 40 -7.52 18.57 24.99
N ALA A 41 -7.86 17.71 24.05
CA ALA A 41 -9.25 17.32 23.89
C ALA A 41 -9.79 16.32 24.94
N SER A 42 -8.93 15.56 25.61
CA SER A 42 -9.39 14.60 26.63
C SER A 42 -9.78 15.28 27.94
N ASN A 43 -10.40 14.53 28.85
CA ASN A 43 -10.72 15.07 30.16
C ASN A 43 -10.31 14.16 31.28
N SER A 44 -9.60 13.10 30.93
CA SER A 44 -9.17 12.09 31.86
C SER A 44 -7.99 11.41 31.21
N LEU A 45 -7.20 10.72 32.02
CA LEU A 45 -6.06 9.93 31.53
C LEU A 45 -6.47 8.71 30.65
N GLU A 46 -7.54 8.02 31.03
CA GLU A 46 -7.93 6.83 30.28
C GLU A 46 -8.35 7.11 28.83
N ALA A 47 -9.06 8.21 28.62
CA ALA A 47 -9.45 8.62 27.26
C ALA A 47 -8.27 8.97 26.31
N ILE A 48 -7.10 9.21 26.88
CA ILE A 48 -5.99 9.72 26.12
C ILE A 48 -5.13 8.58 25.54
N LEU A 49 -5.17 7.43 26.22
CA LEU A 49 -4.25 6.32 25.95
C LEU A 49 -4.33 5.71 24.53
N THR A 50 -5.53 5.32 24.11
CA THR A 50 -5.64 4.70 22.80
C THR A 50 -5.27 5.67 21.69
N PRO A 51 -5.85 6.88 21.72
CA PRO A 51 -5.48 7.92 20.74
C PRO A 51 -3.96 8.10 20.62
N ILE A 52 -3.25 8.15 21.75
CA ILE A 52 -1.80 8.27 21.70
C ILE A 52 -1.16 7.05 21.02
N ALA A 53 -1.58 5.85 21.45
CA ALA A 53 -1.09 4.61 20.82
C ALA A 53 -1.38 4.62 19.34
N THR A 54 -2.58 5.05 18.98
CA THR A 54 -2.96 5.10 17.59
C THR A 54 -2.08 6.08 16.82
N ALA A 55 -1.83 7.24 17.42
CA ALA A 55 -0.98 8.21 16.78
C ALA A 55 0.40 7.61 16.51
N PHE A 56 1.01 6.93 17.47
CA PHE A 56 2.31 6.36 17.20
C PHE A 56 2.23 5.27 16.14
N ALA A 57 1.16 4.47 16.19
CA ALA A 57 0.99 3.39 15.23
C ALA A 57 1.00 3.92 13.79
N GLU A 58 0.23 4.98 13.52
CA GLU A 58 0.19 5.51 12.17
C GLU A 58 1.56 6.13 11.79
N SER A 59 2.13 6.95 12.67
CA SER A 59 3.44 7.53 12.39
C SER A 59 4.55 6.53 12.04
N PHE A 60 4.61 5.41 12.75
CA PHE A 60 5.70 4.48 12.59
C PHE A 60 5.31 3.23 11.80
N ALA A 61 4.11 3.23 11.23
CA ALA A 61 3.59 2.14 10.44
C ALA A 61 3.79 0.78 11.13
N VAL A 62 3.38 0.69 12.39
CA VAL A 62 3.60 -0.54 13.17
C VAL A 62 2.61 -1.63 12.78
N ASN A 63 2.86 -2.87 13.22
CA ASN A 63 1.82 -3.86 13.32
C ASN A 63 0.97 -3.55 14.56
N ALA A 64 1.64 -3.28 15.67
CA ALA A 64 0.92 -2.89 16.86
C ALA A 64 1.67 -1.88 17.75
N CYS A 65 0.90 -1.10 18.52
CA CYS A 65 1.44 -0.20 19.55
C CYS A 65 0.69 -0.40 20.87
N ILE A 66 1.42 -0.45 21.98
CA ILE A 66 0.81 -0.49 23.30
C ILE A 66 1.38 0.58 24.21
N LEU A 67 0.51 1.34 24.87
CA LEU A 67 0.94 2.31 25.86
C LEU A 67 0.36 1.85 27.19
N GLN A 68 1.22 1.41 28.10
CA GLN A 68 0.80 0.76 29.37
C GLN A 68 1.36 1.47 30.61
N LEU A 70 2.49 2.27 34.56
CA LEU A 70 3.23 1.58 35.59
C LEU A 70 2.73 1.92 36.99
N GLU A 71 2.75 0.94 37.88
CA GLU A 71 2.67 1.19 39.30
C GLU A 71 3.99 0.71 39.88
N GLY A 72 4.77 1.65 40.40
CA GLY A 72 6.15 1.38 40.81
C GLY A 72 6.96 0.86 39.64
N GLN A 73 7.14 -0.46 39.58
CA GLN A 73 7.82 -1.11 38.44
C GLN A 73 7.03 -2.31 37.90
N THR A 74 5.74 -2.38 38.27
CA THR A 74 4.79 -3.34 37.69
C THR A 74 3.97 -2.67 36.60
N LEU A 75 3.59 -3.42 35.58
CA LEU A 75 2.72 -2.89 34.56
C LEU A 75 1.29 -2.85 35.09
N SER A 76 0.61 -1.74 34.88
CA SER A 76 -0.76 -1.61 35.36
C SER A 76 -1.68 -2.30 34.38
N THR A 77 -2.90 -2.56 34.83
CA THR A 77 -3.97 -2.90 33.93
C THR A 77 -4.32 -1.71 33.01
N ILE A 78 -4.10 -0.49 33.49
CA ILE A 78 -4.41 0.71 32.73
C ILE A 78 -3.48 0.79 31.52
N GLN A 79 -4.06 0.99 30.34
CA GLN A 79 -3.32 0.93 29.09
C GLN A 79 -4.20 1.33 27.90
N GLY A 80 -3.57 1.60 26.77
CA GLY A 80 -4.29 1.88 25.52
C GLY A 80 -3.47 1.23 24.44
N PHE A 81 -4.07 0.96 23.29
CA PHE A 81 -3.39 0.17 22.27
C PHE A 81 -3.99 0.27 20.85
N TYR A 82 -3.19 -0.11 19.86
CA TYR A 82 -3.66 -0.24 18.51
C TYR A 82 -2.94 -1.42 17.85
N SER A 83 -3.64 -2.11 16.96
CA SER A 83 -3.09 -3.22 16.20
C SER A 83 -3.74 -3.39 14.84
N GLN A 84 -2.99 -3.81 13.85
CA GLN A 84 -3.58 -4.13 12.57
C GLN A 84 -4.29 -5.47 12.66
N GLN A 85 -3.93 -6.26 13.67
CA GLN A 85 -4.47 -7.58 13.85
C GLN A 85 -5.87 -7.45 14.42
N GLY A 86 -6.61 -8.56 14.42
CA GLY A 86 -7.97 -8.59 14.99
C GLY A 86 -7.99 -8.54 16.50
N THR A 87 -6.83 -8.72 17.14
CA THR A 87 -6.70 -8.68 18.61
C THR A 87 -5.35 -8.12 19.01
N VAL A 88 -5.32 -7.46 20.17
CA VAL A 88 -4.09 -7.00 20.74
C VAL A 88 -3.65 -8.01 21.77
N ASN A 89 -2.46 -8.53 21.60
CA ASN A 89 -1.92 -9.48 22.55
C ASN A 89 -0.86 -8.84 23.38
N ASN A 90 -1.20 -8.58 24.64
CA ASN A 90 -0.27 -7.90 25.53
C ASN A 90 0.47 -8.92 26.34
N TRP A 91 1.75 -9.10 26.02
CA TRP A 91 2.62 -10.02 26.74
C TRP A 91 3.87 -9.28 27.23
N LEU A 92 3.71 -7.99 27.52
CA LEU A 92 4.86 -7.19 27.93
C LEU A 92 5.40 -7.57 29.30
N ASN A 93 4.54 -8.00 30.21
CA ASN A 93 4.97 -8.49 31.53
C ASN A 93 5.88 -9.72 31.43
N GLN A 94 5.89 -10.37 30.27
CA GLN A 94 6.75 -11.52 30.05
C GLN A 94 7.87 -11.19 29.08
N ASP A 95 8.11 -9.91 28.85
CA ASP A 95 9.05 -9.46 27.83
C ASP A 95 10.38 -8.99 28.42
N PRO A 96 11.51 -9.62 28.03
CA PRO A 96 12.80 -9.14 28.50
C PRO A 96 13.10 -7.73 28.04
N LEU A 97 12.65 -7.39 26.84
CA LEU A 97 12.91 -6.07 26.30
C LEU A 97 12.25 -5.00 27.17
N THR A 98 10.94 -5.11 27.39
CA THR A 98 10.19 -4.25 28.33
C THR A 98 10.80 -4.22 29.74
N ASN A 99 11.19 -5.38 30.24
CA ASN A 99 11.77 -5.45 31.55
C ASN A 99 13.08 -4.65 31.67
N GLU A 100 13.88 -4.65 30.61
CA GLU A 100 15.10 -3.86 30.57
C GLU A 100 14.78 -2.35 30.52
N ALA A 101 13.73 -1.98 29.78
CA ALA A 101 13.33 -0.59 29.70
C ALA A 101 12.93 -0.08 31.07
N ILE A 102 12.09 -0.84 31.77
CA ILE A 102 11.65 -0.45 33.09
C ILE A 102 12.83 -0.29 34.07
N ALA A 103 13.76 -1.23 34.03
CA ALA A 103 14.92 -1.23 34.88
C ALA A 103 15.88 -0.06 34.60
N THR A 104 16.12 0.24 33.32
CA THR A 104 17.22 1.16 32.94
C THR A 104 16.76 2.54 32.54
N GLY A 105 15.45 2.69 32.36
CA GLY A 105 14.92 3.97 31.94
C GLY A 105 15.40 4.38 30.56
N GLN A 106 15.97 3.43 29.81
CA GLN A 106 16.43 3.69 28.46
C GLN A 106 15.56 3.06 27.38
N ILE A 107 15.50 3.74 26.24
CA ILE A 107 14.97 3.13 25.04
C ILE A 107 15.67 1.78 24.74
N GLN A 108 14.91 0.79 24.30
CA GLN A 108 15.43 -0.53 23.91
C GLN A 108 14.98 -0.86 22.49
N VAL A 109 15.97 -1.08 21.62
CA VAL A 109 15.75 -1.31 20.22
C VAL A 109 16.24 -2.69 19.86
N ALA A 110 15.33 -3.51 19.35
CA ALA A 110 15.66 -4.81 18.87
C ALA A 110 15.20 -4.78 17.43
N ALA A 111 16.15 -4.49 16.54
CA ALA A 111 15.84 -4.24 15.16
C ALA A 111 15.47 -5.52 14.41
N ASN A 112 15.85 -6.66 14.97
CA ASN A 112 15.73 -7.94 14.27
C ASN A 112 15.76 -9.12 15.24
N ILE A 113 14.60 -9.40 15.85
CA ILE A 113 14.43 -10.48 16.83
C ILE A 113 15.24 -11.75 16.58
N ALA A 114 15.33 -12.22 15.33
CA ALA A 114 15.99 -13.52 15.09
C ALA A 114 17.42 -13.49 15.63
N LYS A 115 17.93 -12.27 15.80
CA LYS A 115 19.32 -12.07 16.20
C LYS A 115 19.56 -11.83 17.65
N ASP A 116 18.61 -11.29 18.39
CA ASP A 116 18.73 -11.32 19.83
C ASP A 116 18.42 -12.74 20.30
N PRO A 117 19.44 -13.48 20.74
CA PRO A 117 19.15 -14.83 21.20
C PRO A 117 18.31 -14.81 22.49
N LYS A 118 18.39 -13.73 23.26
CA LYS A 118 17.58 -13.58 24.47
C LYS A 118 16.12 -13.33 24.11
N LEU A 119 15.83 -13.10 22.83
CA LEU A 119 14.46 -12.83 22.37
C LEU A 119 13.92 -13.83 21.32
N ALA A 120 14.81 -14.41 20.52
CA ALA A 120 14.42 -15.28 19.41
C ALA A 120 13.63 -16.53 19.84
N SER A 121 13.85 -17.02 21.03
CA SER A 121 13.18 -18.24 21.46
C SER A 121 11.94 -18.02 22.32
N ILE A 122 11.50 -16.77 22.41
CA ILE A 122 10.31 -16.43 23.20
C ILE A 122 9.08 -16.77 22.37
N SER A 123 8.22 -17.65 22.89
CA SER A 123 7.01 -18.10 22.20
C SER A 123 6.18 -16.92 21.68
N GLN A 124 6.07 -15.88 22.50
CA GLN A 124 5.18 -14.80 22.14
C GLN A 124 5.67 -14.02 20.93
N TYR A 125 6.98 -13.81 20.82
CA TYR A 125 7.50 -13.09 19.66
C TYR A 125 7.20 -13.92 18.43
N GLN A 126 7.44 -15.22 18.54
CA GLN A 126 7.23 -16.16 17.44
C GLN A 126 5.78 -16.20 17.00
N ASP A 127 4.86 -16.48 17.91
CA ASP A 127 3.46 -16.67 17.53
C ASP A 127 2.79 -15.42 17.01
N ASN A 128 3.28 -14.25 17.43
CA ASN A 128 2.76 -12.98 16.90
C ASN A 128 3.50 -12.47 15.68
N GLY A 129 4.59 -13.16 15.33
CA GLY A 129 5.35 -12.85 14.13
C GLY A 129 6.09 -11.54 14.27
N ILE A 130 6.56 -11.27 15.47
CA ILE A 130 7.20 -10.01 15.69
C ILE A 130 8.68 -10.06 15.44
N GLN A 131 9.14 -9.31 14.45
CA GLN A 131 10.53 -9.42 14.00
C GLN A 131 11.37 -8.20 14.34
N SER A 132 10.73 -7.14 14.84
CA SER A 132 11.41 -5.99 15.40
C SER A 132 10.56 -5.36 16.50
N HIS A 133 11.20 -4.73 17.48
CA HIS A 133 10.49 -4.23 18.66
C HIS A 133 11.28 -3.07 19.31
N VAL A 134 10.59 -1.96 19.56
CA VAL A 134 11.21 -0.85 20.25
C VAL A 134 10.33 -0.58 21.43
N VAL A 135 10.93 -0.49 22.61
CA VAL A 135 10.16 -0.08 23.77
C VAL A 135 10.87 1.04 24.51
N ILE A 136 10.10 2.07 24.80
CA ILE A 136 10.63 3.30 25.32
C ILE A 136 9.94 3.62 26.64
N PRO A 137 10.70 3.90 27.70
CA PRO A 137 9.97 4.24 28.90
C PRO A 137 9.40 5.63 28.75
N ILE A 138 8.35 5.89 29.49
CA ILE A 138 7.70 7.17 29.43
C ILE A 138 7.86 7.84 30.78
N THR A 139 8.82 8.77 30.82
CA THR A 139 9.35 9.31 32.08
C THR A 139 9.19 10.81 32.16
N TYR A 140 8.56 11.26 33.25
CA TYR A 140 8.40 12.68 33.48
C TYR A 140 9.28 13.10 34.63
N ARG A 141 10.20 14.03 34.36
CA ARG A 141 11.30 14.32 35.29
C ARG A 141 11.98 12.99 35.53
N ASN A 142 12.11 12.51 36.75
CA ASN A 142 12.61 11.13 36.86
C ASN A 142 11.54 10.05 37.13
N GLU A 143 10.27 10.44 37.23
CA GLU A 143 9.14 9.51 37.46
C GLU A 143 8.78 8.75 36.21
N LEU A 145 6.35 6.78 34.27
CA LEU A 145 4.91 6.62 34.31
C LEU A 145 4.43 5.37 33.62
N GLY A 146 5.17 4.93 32.61
CA GLY A 146 4.74 3.78 31.83
C GLY A 146 5.72 3.41 30.74
N VAL A 147 5.32 2.50 29.86
CA VAL A 147 6.12 2.14 28.68
C VAL A 147 5.28 2.23 27.42
N LEU A 148 5.95 2.48 26.31
CA LEU A 148 5.31 2.50 25.02
C LEU A 148 6.07 1.50 24.18
N SER A 149 5.33 0.61 23.55
CA SER A 149 5.90 -0.51 22.81
C SER A 149 5.50 -0.36 21.34
N LEU A 150 6.48 -0.47 20.43
CA LEU A 150 6.19 -0.44 19.00
C LEU A 150 6.63 -1.75 18.40
N GLN A 151 5.74 -2.40 17.67
CA GLN A 151 5.96 -3.78 17.16
C GLN A 151 5.70 -3.89 15.67
N TRP A 152 6.62 -4.58 14.99
CA TRP A 152 6.52 -4.82 13.55
C TRP A 152 6.73 -6.28 13.16
N GLN A 153 6.19 -6.67 12.01
CA GLN A 153 6.36 -8.06 11.56
C GLN A 153 7.58 -8.23 10.65
N GLN A 154 8.29 -7.14 10.40
CA GLN A 154 9.51 -7.18 9.61
C GLN A 154 10.65 -6.53 10.38
N PRO A 155 11.90 -6.84 10.02
CA PRO A 155 13.00 -6.12 10.65
C PRO A 155 12.97 -4.69 10.23
N ILE A 156 13.24 -3.78 11.16
CA ILE A 156 13.37 -2.35 10.87
C ILE A 156 14.81 -1.89 10.98
N SER A 157 15.02 -0.70 10.47
CA SER A 157 16.29 -0.04 10.46
C SER A 157 15.97 1.44 10.65
N LEU A 158 15.94 1.87 11.91
CA LEU A 158 15.57 3.25 12.24
C LEU A 158 16.61 4.29 11.85
N ARG A 159 16.21 5.37 11.20
CA ARG A 159 17.10 6.49 10.92
C ARG A 159 17.37 7.33 12.17
N GLU A 160 18.47 8.09 12.17
CA GLU A 160 18.77 9.05 13.25
C GLU A 160 17.57 9.93 13.57
N ASP A 161 16.99 10.56 12.54
CA ASP A 161 15.81 11.40 12.75
C ASP A 161 14.65 10.63 13.41
N GLU A 162 14.44 9.36 13.04
CA GLU A 162 13.36 8.62 13.69
C GLU A 162 13.61 8.38 15.18
N LEU A 163 14.88 8.21 15.56
CA LEU A 163 15.19 8.01 16.97
C LEU A 163 15.01 9.30 17.81
N THR A 164 15.46 10.43 17.26
CA THR A 164 15.19 11.74 17.85
C THR A 164 13.68 11.91 18.05
N LEU A 165 12.88 11.68 17.02
CA LEU A 165 11.43 11.75 17.16
C LEU A 165 10.87 10.85 18.27
N ILE A 166 11.41 9.64 18.43
CA ILE A 166 10.91 8.76 19.49
C ILE A 166 11.25 9.34 20.84
N HIS A 167 12.45 9.91 20.97
CA HIS A 167 12.89 10.43 22.27
C HIS A 167 12.05 11.63 22.69
N LEU A 168 11.87 12.56 21.77
CA LEU A 168 11.07 13.73 22.02
C LEU A 168 9.57 13.40 22.24
N SER A 169 9.01 12.56 21.36
CA SER A 169 7.64 12.08 21.45
C SER A 169 7.31 11.59 22.83
N ALA A 170 8.12 10.62 23.28
CA ALA A 170 7.91 9.96 24.54
C ALA A 170 7.99 11.02 25.63
N GLN A 171 8.90 11.95 25.48
CA GLN A 171 9.06 12.94 26.51
C GLN A 171 7.84 13.82 26.62
N LEU A 172 7.28 14.18 25.45
CA LEU A 172 6.05 14.95 25.38
C LEU A 172 4.92 14.17 25.99
N VAL A 173 4.84 12.88 25.68
CA VAL A 173 3.76 12.03 26.20
C VAL A 173 3.80 12.01 27.70
N ALA A 174 4.99 11.92 28.26
CA ALA A 174 5.16 11.99 29.69
C ALA A 174 4.66 13.31 30.26
N ILE A 175 4.94 14.45 29.59
CA ILE A 175 4.41 15.73 30.06
C ILE A 175 2.88 15.59 30.02
N ALA A 176 2.39 14.95 28.95
CA ALA A 176 0.96 14.90 28.71
C ALA A 176 0.22 14.08 29.78
N LEU A 177 0.70 12.86 30.05
CA LEU A 177 0.07 12.03 31.07
C LEU A 177 0.07 12.71 32.43
N THR A 178 1.21 13.30 32.81
CA THR A 178 1.34 13.96 34.10
C THR A 178 0.37 15.13 34.29
N SER A 179 -0.08 15.75 33.21
CA SER A 179 -1.02 16.83 33.33
C SER A 179 -2.44 16.30 33.38
N SER A 180 -2.66 15.17 32.72
CA SER A 180 -4.00 14.58 32.62
C SER A 180 -4.56 14.23 33.98
N ARG A 181 -3.70 14.09 34.99
CA ARG A 181 -4.15 13.70 36.32
C ARG A 181 -4.60 14.90 37.13
N CYS A 182 -4.95 15.98 36.43
CA CYS A 182 -5.35 17.20 37.13
C CYS A 182 -6.86 17.44 37.11
N SER A 183 -7.46 17.21 38.27
CA SER A 183 -8.90 17.53 38.56
C SER A 183 -8.95 18.78 39.46
N ALA B 9 -43.70 1.99 -9.54
CA ALA B 9 -44.02 3.19 -10.37
C ALA B 9 -42.78 3.69 -11.16
N GLU B 10 -41.98 4.55 -10.54
CA GLU B 10 -40.69 4.98 -11.09
C GLU B 10 -39.56 4.25 -10.37
N THR B 11 -39.91 3.09 -9.78
CA THR B 11 -38.93 2.13 -9.25
C THR B 11 -38.26 1.37 -10.39
N TYR B 12 -38.84 1.45 -11.58
CA TYR B 12 -38.21 0.99 -12.82
C TYR B 12 -37.04 1.91 -13.19
N ASP B 13 -37.09 3.16 -12.73
CA ASP B 13 -36.00 4.11 -12.94
C ASP B 13 -34.83 3.88 -11.98
N LEU B 14 -35.06 3.12 -10.91
CA LEU B 14 -34.04 2.82 -9.90
C LEU B 14 -33.01 1.79 -10.39
N LEU B 15 -33.50 0.78 -11.11
CA LEU B 15 -32.63 -0.13 -11.85
C LEU B 15 -32.52 0.33 -13.31
N LYS B 16 -32.07 1.56 -13.49
CA LYS B 16 -31.91 2.20 -14.80
C LYS B 16 -30.79 3.25 -14.76
N GLN B 17 -30.44 3.69 -13.55
CA GLN B 17 -29.25 4.51 -13.32
C GLN B 17 -28.10 3.61 -12.91
N ARG B 18 -28.43 2.61 -12.11
CA ARG B 18 -27.50 1.57 -11.68
C ARG B 18 -26.89 0.85 -12.87
N THR B 19 -27.65 0.77 -13.97
CA THR B 19 -27.16 0.27 -15.24
C THR B 19 -25.97 1.14 -15.72
N GLU B 20 -26.15 2.46 -15.70
CA GLU B 20 -25.11 3.40 -16.11
C GLU B 20 -23.87 3.39 -15.20
N GLU B 21 -24.09 3.43 -13.88
CA GLU B 21 -22.98 3.45 -12.93
C GLU B 21 -22.21 2.13 -12.90
N LEU B 22 -22.89 1.03 -13.21
CA LEU B 22 -22.22 -0.26 -13.39
C LEU B 22 -21.38 -0.24 -14.66
N ARG B 23 -21.93 0.34 -15.73
CA ARG B 23 -21.19 0.51 -17.00
C ARG B 23 -19.94 1.37 -16.81
N ARG B 24 -20.05 2.42 -16.00
CA ARG B 24 -18.89 3.20 -15.58
C ARG B 24 -17.91 2.35 -14.78
N ALA B 25 -18.42 1.62 -13.78
CA ALA B 25 -17.63 0.77 -12.92
C ALA B 25 -16.72 -0.15 -13.72
N ASN B 26 -17.26 -0.68 -14.80
CA ASN B 26 -16.55 -1.64 -15.65
C ASN B 26 -15.49 -1.03 -16.56
N ALA B 27 -15.75 0.19 -17.03
CA ALA B 27 -14.84 0.87 -17.97
C ALA B 27 -13.53 1.23 -17.30
N GLN B 28 -13.57 1.42 -15.98
CA GLN B 28 -12.41 1.74 -15.15
C GLN B 28 -11.64 0.47 -14.85
N SER B 30 -11.84 -2.27 -16.61
CA SER B 30 -11.13 -2.60 -17.83
C SER B 30 -9.73 -1.99 -17.93
N LEU B 31 -9.66 -0.67 -17.70
CA LEU B 31 -8.41 0.08 -17.74
C LEU B 31 -7.44 -0.48 -16.70
N LEU B 32 -7.91 -0.67 -15.47
CA LEU B 32 -7.04 -1.15 -14.43
C LEU B 32 -6.45 -2.50 -14.84
N THR B 33 -7.38 -3.37 -15.21
CA THR B 33 -7.06 -4.74 -15.54
C THR B 33 -6.06 -4.74 -16.69
N VAL B 34 -6.32 -3.93 -17.69
CA VAL B 34 -5.46 -3.94 -18.86
C VAL B 34 -4.05 -3.44 -18.50
N LEU B 35 -4.00 -2.39 -17.70
CA LEU B 35 -2.74 -1.88 -17.18
C LEU B 35 -1.99 -2.97 -16.42
N VAL B 36 -2.64 -3.61 -15.46
CA VAL B 36 -2.00 -4.71 -14.76
C VAL B 36 -1.44 -5.71 -15.78
N GLN B 37 -2.34 -6.18 -16.65
CA GLN B 37 -2.08 -7.26 -17.56
C GLN B 37 -1.04 -6.81 -18.54
N VAL B 38 -1.03 -5.51 -18.80
CA VAL B 38 -0.09 -4.99 -19.77
C VAL B 38 1.32 -4.93 -19.18
N THR B 39 1.40 -4.66 -17.88
CA THR B 39 2.66 -4.60 -17.17
C THR B 39 3.25 -6.00 -17.12
N GLN B 40 2.45 -6.96 -16.65
CA GLN B 40 2.91 -8.35 -16.55
C GLN B 40 3.33 -8.90 -17.91
N ALA B 41 2.81 -8.33 -18.99
CA ALA B 41 3.10 -8.84 -20.33
C ALA B 41 4.37 -8.28 -20.99
N SER B 42 4.80 -7.09 -20.57
CA SER B 42 6.00 -6.46 -21.15
C SER B 42 7.24 -6.71 -20.34
N ASN B 43 8.40 -6.75 -21.00
CA ASN B 43 9.68 -7.09 -20.37
C ASN B 43 10.73 -5.97 -20.36
N SER B 44 10.33 -4.80 -20.84
CA SER B 44 11.18 -3.62 -20.82
C SER B 44 10.30 -2.40 -20.62
N LEU B 45 10.90 -1.35 -20.08
CA LEU B 45 10.24 -0.05 -19.97
C LEU B 45 9.89 0.50 -21.36
N GLU B 46 10.80 0.35 -22.32
CA GLU B 46 10.54 0.75 -23.71
C GLU B 46 9.34 0.00 -24.30
N ALA B 47 9.17 -1.24 -23.85
CA ALA B 47 8.12 -2.14 -24.33
C ALA B 47 6.71 -1.83 -23.76
N ILE B 48 6.64 -1.50 -22.48
CA ILE B 48 5.37 -1.30 -21.79
C ILE B 48 4.70 -0.01 -22.19
N LEU B 49 5.46 0.86 -22.86
CA LEU B 49 5.07 2.26 -23.01
C LEU B 49 3.92 2.49 -23.95
N THR B 50 4.05 2.08 -25.20
CA THR B 50 2.99 2.29 -26.20
C THR B 50 1.67 1.59 -25.82
N PRO B 51 1.72 0.30 -25.42
CA PRO B 51 0.53 -0.36 -24.82
C PRO B 51 -0.16 0.49 -23.77
N ILE B 52 0.60 1.00 -22.81
CA ILE B 52 0.02 1.84 -21.78
C ILE B 52 -0.62 3.05 -22.44
N ALA B 53 0.11 3.72 -23.34
CA ALA B 53 -0.50 4.85 -24.07
C ALA B 53 -1.80 4.46 -24.79
N THR B 54 -1.87 3.20 -25.25
CA THR B 54 -2.97 2.71 -26.11
C THR B 54 -4.16 2.21 -25.30
N ALA B 55 -3.85 1.64 -24.14
CA ALA B 55 -4.87 1.29 -23.16
C ALA B 55 -5.64 2.58 -22.92
N PHE B 56 -4.90 3.62 -22.55
CA PHE B 56 -5.49 4.87 -22.15
C PHE B 56 -6.27 5.52 -23.23
N ALA B 57 -5.64 5.66 -24.40
CA ALA B 57 -6.27 6.27 -25.57
C ALA B 57 -7.67 5.68 -25.78
N GLU B 58 -7.81 4.36 -25.62
CA GLU B 58 -9.09 3.68 -25.80
C GLU B 58 -10.10 4.05 -24.71
N SER B 59 -9.70 3.96 -23.45
CA SER B 59 -10.65 4.15 -22.37
C SER B 59 -11.21 5.56 -22.35
N PHE B 60 -10.48 6.48 -22.97
CA PHE B 60 -10.83 7.90 -22.98
C PHE B 60 -11.19 8.50 -24.32
N ALA B 61 -11.32 7.66 -25.34
CA ALA B 61 -11.77 8.13 -26.66
C ALA B 61 -10.92 9.30 -27.17
N VAL B 62 -9.62 9.19 -26.93
CA VAL B 62 -8.66 10.23 -27.26
C VAL B 62 -8.37 10.22 -28.76
N ASN B 63 -7.78 11.30 -29.27
CA ASN B 63 -7.32 11.30 -30.67
C ASN B 63 -5.81 11.07 -30.78
N ALA B 64 -5.07 11.61 -29.81
CA ALA B 64 -3.65 11.31 -29.64
C ALA B 64 -3.31 11.31 -28.14
N CYS B 65 -2.56 10.30 -27.71
CA CYS B 65 -2.12 10.21 -26.32
C CYS B 65 -0.64 9.84 -26.24
N ILE B 66 0.14 10.62 -25.48
CA ILE B 66 1.57 10.33 -25.31
C ILE B 66 1.96 10.02 -23.86
N LEU B 67 2.64 8.91 -23.66
CA LEU B 67 3.28 8.62 -22.40
C LEU B 67 4.78 8.84 -22.59
N GLN B 68 5.31 9.90 -21.98
CA GLN B 68 6.69 10.27 -22.19
C GLN B 68 7.45 10.32 -20.89
N LEU B 70 10.80 11.35 -18.27
CA LEU B 70 11.50 12.52 -17.76
C LEU B 70 12.90 12.15 -17.29
N GLU B 71 13.89 12.95 -17.69
CA GLU B 71 15.21 12.94 -17.07
C GLU B 71 15.33 14.21 -16.24
N GLY B 72 14.95 14.10 -14.97
CA GLY B 72 14.74 15.25 -14.11
C GLY B 72 13.62 16.14 -14.62
N GLN B 73 14.00 17.31 -15.12
CA GLN B 73 13.05 18.34 -15.51
C GLN B 73 12.65 18.26 -16.98
N THR B 74 13.59 17.84 -17.81
CA THR B 74 13.38 17.78 -19.27
C THR B 74 12.86 16.41 -19.74
N LEU B 75 12.11 16.43 -20.84
CA LEU B 75 11.57 15.24 -21.47
C LEU B 75 12.68 14.42 -22.13
N SER B 76 12.44 13.13 -22.32
CA SER B 76 13.39 12.24 -22.94
C SER B 76 12.89 11.79 -24.31
N THR B 77 13.80 11.34 -25.18
CA THR B 77 13.42 10.73 -26.46
C THR B 77 12.79 9.33 -26.27
N ILE B 78 12.65 8.91 -25.01
CA ILE B 78 12.02 7.64 -24.67
C ILE B 78 10.57 7.89 -24.27
N GLN B 79 9.68 7.54 -25.18
CA GLN B 79 8.27 7.82 -25.05
C GLN B 79 7.43 6.71 -25.68
N GLY B 80 6.13 6.70 -25.39
CA GLY B 80 5.19 5.79 -26.00
C GLY B 80 3.93 6.56 -26.31
N PHE B 81 3.43 6.44 -27.54
CA PHE B 81 2.34 7.27 -28.03
C PHE B 81 1.25 6.46 -28.72
N TYR B 82 0.10 7.08 -28.92
CA TYR B 82 -0.94 6.51 -29.75
C TYR B 82 -1.74 7.58 -30.49
N SER B 83 -1.93 7.40 -31.80
CA SER B 83 -2.63 8.39 -32.61
C SER B 83 -3.65 7.80 -33.59
N GLN B 84 -4.29 8.68 -34.36
CA GLN B 84 -5.13 8.30 -35.48
C GLN B 84 -4.76 9.11 -36.70
N GLN B 85 -5.00 10.42 -36.62
CA GLN B 85 -4.89 11.36 -37.77
C GLN B 85 -3.62 11.23 -38.63
N GLY B 86 -2.51 10.93 -37.97
CA GLY B 86 -1.25 10.56 -38.61
C GLY B 86 -0.54 9.77 -37.53
N THR B 87 0.67 10.19 -37.21
CA THR B 87 1.34 9.80 -35.97
C THR B 87 1.08 10.94 -34.98
N VAL B 88 1.63 10.83 -33.76
CA VAL B 88 1.63 11.97 -32.83
C VAL B 88 2.69 12.98 -33.21
N ASN B 89 2.38 14.27 -33.04
CA ASN B 89 3.38 15.31 -33.10
C ASN B 89 3.80 15.58 -31.66
N ASN B 90 5.06 15.28 -31.34
CA ASN B 90 5.55 15.53 -29.99
C ASN B 90 6.09 16.95 -29.85
N TRP B 91 5.16 17.88 -29.68
CA TRP B 91 5.49 19.29 -29.46
C TRP B 91 5.44 19.63 -27.97
N LEU B 92 5.31 18.59 -27.14
CA LEU B 92 5.09 18.75 -25.70
C LEU B 92 6.17 19.54 -24.97
N ASN B 93 7.42 19.42 -25.42
CA ASN B 93 8.54 20.19 -24.85
C ASN B 93 8.41 21.70 -25.05
N GLN B 94 7.47 22.11 -25.91
CA GLN B 94 7.14 23.52 -26.11
C GLN B 94 5.65 23.81 -25.80
N ASP B 95 5.05 22.97 -24.95
CA ASP B 95 3.64 23.10 -24.53
C ASP B 95 3.56 23.66 -23.11
N PRO B 96 2.88 24.82 -22.92
CA PRO B 96 2.77 25.44 -21.60
C PRO B 96 1.97 24.62 -20.58
N LEU B 97 0.96 23.88 -21.03
CA LEU B 97 0.16 23.06 -20.13
C LEU B 97 0.95 21.88 -19.54
N THR B 98 1.85 21.33 -20.35
CA THR B 98 2.78 20.28 -19.91
C THR B 98 3.88 20.79 -18.99
N ASN B 99 4.22 22.07 -19.11
CA ASN B 99 5.17 22.76 -18.21
C ASN B 99 4.58 23.01 -16.83
N GLU B 100 3.27 23.25 -16.80
CA GLU B 100 2.53 23.44 -15.55
C GLU B 100 2.46 22.12 -14.79
N ALA B 101 2.46 21.02 -15.54
CA ALA B 101 2.49 19.68 -15.00
C ALA B 101 3.79 19.44 -14.28
N ILE B 102 4.93 19.73 -14.92
CA ILE B 102 6.26 19.53 -14.31
C ILE B 102 6.54 20.48 -13.15
N ALA B 103 5.83 21.60 -13.10
CA ALA B 103 6.03 22.60 -12.06
C ALA B 103 5.08 22.40 -10.88
N THR B 104 3.78 22.27 -11.17
CA THR B 104 2.82 21.90 -10.15
C THR B 104 2.73 20.42 -10.27
N GLY B 105 3.06 19.72 -9.19
CA GLY B 105 3.00 18.27 -9.19
C GLY B 105 1.72 17.70 -9.77
N GLN B 106 0.65 18.50 -9.73
CA GLN B 106 -0.73 18.03 -9.99
C GLN B 106 -1.21 18.23 -11.43
N ILE B 107 -2.41 17.68 -11.67
CA ILE B 107 -3.03 17.49 -12.97
C ILE B 107 -3.44 18.81 -13.62
N GLN B 108 -3.03 19.01 -14.88
CA GLN B 108 -3.51 20.18 -15.66
C GLN B 108 -4.64 19.76 -16.61
N VAL B 109 -5.84 20.26 -16.35
CA VAL B 109 -6.97 20.12 -17.28
C VAL B 109 -6.94 21.34 -18.23
N ALA B 110 -7.47 21.17 -19.44
CA ALA B 110 -7.80 22.31 -20.34
C ALA B 110 -8.98 21.92 -21.22
N ALA B 111 -10.20 22.10 -20.70
CA ALA B 111 -11.42 21.60 -21.34
C ALA B 111 -11.76 22.35 -22.65
N ASN B 112 -11.20 23.54 -22.79
CA ASN B 112 -11.36 24.34 -23.99
C ASN B 112 -10.09 25.17 -24.22
N ILE B 113 -9.20 24.63 -25.06
CA ILE B 113 -7.85 25.20 -25.30
C ILE B 113 -7.81 26.72 -25.64
N ALA B 114 -8.75 27.18 -26.45
CA ALA B 114 -8.78 28.58 -26.85
C ALA B 114 -9.31 29.53 -25.77
N LYS B 115 -9.34 29.09 -24.51
CA LYS B 115 -10.00 29.87 -23.45
C LYS B 115 -9.17 30.26 -22.22
N ASP B 116 -8.32 29.36 -21.74
CA ASP B 116 -7.31 29.76 -20.76
C ASP B 116 -6.24 30.49 -21.56
N PRO B 117 -6.17 31.84 -21.41
CA PRO B 117 -5.36 32.69 -22.31
C PRO B 117 -3.92 32.23 -22.55
N LYS B 118 -3.33 31.56 -21.57
CA LYS B 118 -1.95 31.08 -21.63
C LYS B 118 -1.68 30.15 -22.82
N LEU B 119 -2.73 29.51 -23.35
CA LEU B 119 -2.58 28.35 -24.25
C LEU B 119 -3.08 28.56 -25.70
N ALA B 120 -4.08 29.41 -25.88
CA ALA B 120 -4.66 29.68 -27.20
C ALA B 120 -3.66 30.24 -28.21
N SER B 121 -2.61 30.90 -27.71
CA SER B 121 -1.64 31.61 -28.55
C SER B 121 -0.66 30.72 -29.33
N ILE B 122 -0.10 29.71 -28.66
CA ILE B 122 0.91 28.84 -29.27
C ILE B 122 0.42 28.15 -30.54
N SER B 123 1.03 28.53 -31.67
CA SER B 123 0.65 28.04 -33.00
C SER B 123 1.06 26.58 -33.25
N GLN B 124 0.94 25.75 -32.21
CA GLN B 124 1.23 24.31 -32.30
C GLN B 124 0.08 23.45 -31.81
N TYR B 125 -0.66 23.94 -30.81
CA TYR B 125 -1.86 23.26 -30.33
C TYR B 125 -3.03 23.52 -31.28
N GLN B 126 -2.91 24.55 -32.10
CA GLN B 126 -3.90 24.89 -33.12
C GLN B 126 -3.56 24.27 -34.49
N ASP B 127 -2.28 23.97 -34.71
CA ASP B 127 -1.79 23.38 -35.98
C ASP B 127 -1.78 21.85 -35.98
N ASN B 128 -2.41 21.26 -34.97
CA ASN B 128 -2.59 19.81 -34.84
C ASN B 128 -4.04 19.48 -34.55
N GLY B 129 -4.89 20.48 -34.73
CA GLY B 129 -6.34 20.33 -34.63
C GLY B 129 -6.84 20.01 -33.24
N ILE B 130 -5.93 19.79 -32.29
CA ILE B 130 -6.35 19.53 -30.91
C ILE B 130 -6.83 20.80 -30.22
N GLN B 131 -8.11 20.77 -29.83
CA GLN B 131 -8.73 21.83 -29.04
C GLN B 131 -9.28 21.27 -27.70
N SER B 132 -8.53 20.32 -27.13
CA SER B 132 -8.64 19.84 -25.74
C SER B 132 -7.28 19.29 -25.28
N HIS B 133 -7.03 19.27 -23.97
CA HIS B 133 -5.79 18.68 -23.46
C HIS B 133 -5.84 18.41 -21.96
N VAL B 134 -5.71 17.13 -21.60
CA VAL B 134 -5.46 16.76 -20.19
C VAL B 134 -4.04 16.19 -20.06
N VAL B 135 -3.20 16.92 -19.34
CA VAL B 135 -1.79 16.54 -19.17
C VAL B 135 -1.65 16.03 -17.73
N ILE B 136 -1.09 14.82 -17.57
CA ILE B 136 -1.06 14.15 -16.26
C ILE B 136 0.33 13.67 -15.81
N PRO B 137 0.78 14.16 -14.64
CA PRO B 137 2.06 13.77 -14.07
C PRO B 137 2.03 12.33 -13.64
N ILE B 138 3.11 11.62 -13.91
CA ILE B 138 3.26 10.28 -13.40
C ILE B 138 4.27 10.26 -12.24
N THR B 139 3.76 10.12 -11.01
CA THR B 139 4.59 10.18 -9.80
C THR B 139 4.50 8.95 -8.87
N TYR B 140 5.63 8.24 -8.73
CA TYR B 140 5.75 7.16 -7.77
C TYR B 140 6.27 7.67 -6.42
N ARG B 141 5.50 7.45 -5.37
CA ARG B 141 5.87 7.85 -4.01
C ARG B 141 5.93 9.38 -3.91
N ASN B 142 6.91 9.98 -4.58
CA ASN B 142 6.87 11.41 -4.95
C ASN B 142 7.99 11.86 -5.90
N GLU B 143 8.33 10.99 -6.86
CA GLU B 143 9.41 11.25 -7.80
C GLU B 143 8.78 11.12 -9.16
N LEU B 145 8.10 10.50 -12.80
CA LEU B 145 8.85 9.62 -13.72
C LEU B 145 8.61 10.00 -15.16
N GLY B 146 7.42 10.52 -15.44
CA GLY B 146 7.10 11.01 -16.76
C GLY B 146 5.76 11.71 -16.79
N VAL B 147 5.28 11.94 -18.00
CA VAL B 147 4.04 12.64 -18.24
C VAL B 147 3.20 11.79 -19.18
N LEU B 148 1.89 11.82 -18.93
CA LEU B 148 0.92 11.21 -19.82
C LEU B 148 0.02 12.29 -20.34
N SER B 149 0.02 12.47 -21.67
CA SER B 149 -0.71 13.53 -22.35
C SER B 149 -1.93 12.99 -23.07
N LEU B 150 -3.08 13.59 -22.75
CA LEU B 150 -4.33 13.29 -23.43
C LEU B 150 -4.80 14.49 -24.25
N GLN B 151 -4.88 14.30 -25.57
CA GLN B 151 -5.29 15.33 -26.50
C GLN B 151 -6.57 14.94 -27.24
N TRP B 152 -7.39 15.94 -27.52
CA TRP B 152 -8.64 15.77 -28.25
C TRP B 152 -8.89 16.94 -29.22
N GLN B 153 -9.57 16.67 -30.33
CA GLN B 153 -9.92 17.69 -31.31
C GLN B 153 -11.21 18.44 -30.90
N GLN B 154 -12.26 17.67 -30.64
CA GLN B 154 -13.51 18.15 -30.04
C GLN B 154 -13.23 18.68 -28.60
N PRO B 155 -13.88 19.81 -28.20
CA PRO B 155 -13.79 20.30 -26.81
C PRO B 155 -14.37 19.31 -25.79
N ILE B 156 -13.64 19.07 -24.71
CA ILE B 156 -13.98 17.96 -23.81
C ILE B 156 -14.20 18.37 -22.36
N SER B 157 -15.37 18.01 -21.83
CA SER B 157 -15.72 18.18 -20.42
C SER B 157 -15.64 16.84 -19.70
N LEU B 158 -14.80 16.75 -18.65
CA LEU B 158 -14.64 15.50 -17.87
C LEU B 158 -15.55 15.46 -16.64
N ARG B 159 -16.24 14.34 -16.44
CA ARG B 159 -17.08 14.20 -15.26
C ARG B 159 -16.25 13.68 -14.11
N GLU B 160 -16.86 13.65 -12.91
CA GLU B 160 -16.20 13.32 -11.64
C GLU B 160 -15.42 11.99 -11.63
N ASP B 161 -16.06 10.96 -12.19
CA ASP B 161 -15.59 9.61 -12.11
C ASP B 161 -14.44 9.40 -13.06
N GLU B 162 -14.46 10.10 -14.19
CA GLU B 162 -13.33 10.14 -15.13
C GLU B 162 -12.06 10.69 -14.49
N LEU B 163 -12.22 11.83 -13.80
CA LEU B 163 -11.19 12.41 -12.94
C LEU B 163 -10.67 11.36 -11.97
N THR B 164 -11.54 10.88 -11.07
CA THR B 164 -11.19 9.82 -10.14
C THR B 164 -10.29 8.78 -10.83
N LEU B 165 -10.81 8.23 -11.92
CA LEU B 165 -10.10 7.20 -12.63
C LEU B 165 -8.77 7.66 -13.16
N ILE B 166 -8.70 8.91 -13.66
CA ILE B 166 -7.40 9.43 -14.13
C ILE B 166 -6.39 9.43 -12.98
N HIS B 167 -6.85 9.81 -11.78
CA HIS B 167 -6.03 9.76 -10.57
C HIS B 167 -5.56 8.31 -10.29
N LEU B 168 -6.46 7.46 -9.81
CA LEU B 168 -6.19 6.03 -9.59
C LEU B 168 -5.30 5.37 -10.64
N SER B 169 -5.74 5.37 -11.89
CA SER B 169 -4.99 4.68 -12.93
C SER B 169 -3.61 5.27 -13.21
N ALA B 170 -3.46 6.59 -13.08
CA ALA B 170 -2.12 7.18 -13.09
C ALA B 170 -1.26 6.78 -11.86
N GLN B 171 -1.89 6.53 -10.73
CA GLN B 171 -1.16 6.06 -9.57
C GLN B 171 -0.57 4.67 -9.82
N LEU B 172 -1.45 3.78 -10.30
CA LEU B 172 -1.11 2.46 -10.72
C LEU B 172 -0.03 2.50 -11.80
N VAL B 173 -0.16 3.45 -12.72
CA VAL B 173 0.77 3.57 -13.84
C VAL B 173 2.17 3.85 -13.35
N ALA B 174 2.27 4.72 -12.34
CA ALA B 174 3.55 4.99 -11.67
C ALA B 174 4.17 3.74 -11.06
N ILE B 175 3.37 2.95 -10.32
CA ILE B 175 3.83 1.67 -9.76
C ILE B 175 4.41 0.82 -10.90
N ALA B 176 3.59 0.65 -11.94
CA ALA B 176 3.93 -0.19 -13.08
C ALA B 176 5.23 0.23 -13.74
N LEU B 177 5.38 1.52 -13.96
CA LEU B 177 6.58 2.03 -14.61
C LEU B 177 7.82 1.88 -13.74
N THR B 178 7.68 2.07 -12.42
CA THR B 178 8.85 1.93 -11.55
C THR B 178 9.24 0.44 -11.59
N SER B 179 8.25 -0.45 -11.63
CA SER B 179 8.55 -1.86 -11.66
C SER B 179 9.23 -2.26 -12.97
N SER B 180 8.81 -1.63 -14.07
CA SER B 180 9.23 -1.98 -15.43
C SER B 180 10.75 -1.88 -15.61
N ARG B 181 11.36 -1.06 -14.75
CA ARG B 181 12.77 -0.73 -14.83
C ARG B 181 13.61 -1.98 -14.55
N CYS B 182 13.07 -2.89 -13.75
CA CYS B 182 13.79 -4.08 -13.27
C CYS B 182 14.06 -5.07 -14.39
N SER B 183 15.14 -5.84 -14.24
CA SER B 183 15.56 -6.87 -15.19
C SER B 183 15.29 -8.30 -14.67
N LYS C 16 -33.06 -6.57 -8.98
CA LYS C 16 -31.99 -6.35 -7.96
C LYS C 16 -30.65 -6.93 -8.42
N GLN C 17 -30.61 -7.39 -9.67
CA GLN C 17 -29.46 -8.12 -10.21
C GLN C 17 -28.34 -7.18 -10.63
N ARG C 18 -28.69 -5.92 -10.88
CA ARG C 18 -27.70 -4.91 -11.17
C ARG C 18 -26.99 -4.50 -9.86
N THR C 19 -27.77 -4.43 -8.78
CA THR C 19 -27.28 -4.09 -7.44
C THR C 19 -26.02 -4.87 -7.01
N GLU C 20 -26.10 -6.19 -7.13
CA GLU C 20 -24.99 -7.04 -6.71
C GLU C 20 -23.87 -7.10 -7.75
N GLU C 21 -24.24 -7.12 -9.03
CA GLU C 21 -23.27 -7.02 -10.13
C GLU C 21 -22.44 -5.71 -10.06
N LEU C 22 -23.04 -4.63 -9.55
CA LEU C 22 -22.33 -3.37 -9.31
C LEU C 22 -21.55 -3.39 -7.99
N ARG C 23 -22.15 -4.00 -6.97
CA ARG C 23 -21.53 -4.16 -5.65
C ARG C 23 -20.19 -4.92 -5.77
N ARG C 24 -20.17 -5.93 -6.63
CA ARG C 24 -18.99 -6.77 -6.84
C ARG C 24 -17.90 -5.98 -7.56
N ALA C 25 -18.31 -5.21 -8.57
CA ALA C 25 -17.39 -4.29 -9.24
C ALA C 25 -16.74 -3.41 -8.19
N ASN C 26 -17.54 -2.96 -7.23
CA ASN C 26 -17.07 -2.19 -6.07
C ASN C 26 -15.97 -2.93 -5.30
N ALA C 27 -16.31 -4.10 -4.76
CA ALA C 27 -15.33 -4.88 -3.97
C ALA C 27 -14.07 -5.14 -4.79
N GLN C 28 -14.22 -5.53 -6.05
CA GLN C 28 -13.12 -5.66 -6.99
C GLN C 28 -12.27 -4.39 -7.03
N SER C 30 -12.23 -1.64 -5.00
CA SER C 30 -11.63 -1.16 -3.77
C SER C 30 -10.31 -1.89 -3.42
N LEU C 31 -10.34 -3.21 -3.49
CA LEU C 31 -9.18 -3.96 -3.15
C LEU C 31 -8.04 -3.35 -3.93
N LEU C 32 -8.22 -3.22 -5.23
CA LEU C 32 -7.12 -2.78 -6.09
C LEU C 32 -6.61 -1.41 -5.69
N THR C 33 -7.54 -0.50 -5.49
CA THR C 33 -7.23 0.85 -5.07
C THR C 33 -6.38 0.77 -3.79
N VAL C 34 -6.92 0.09 -2.77
CA VAL C 34 -6.26 0.00 -1.49
C VAL C 34 -4.81 -0.43 -1.72
N LEU C 35 -4.65 -1.51 -2.47
CA LEU C 35 -3.35 -2.04 -2.79
C LEU C 35 -2.41 -1.04 -3.44
N VAL C 36 -2.87 -0.35 -4.48
CA VAL C 36 -2.06 0.69 -5.14
C VAL C 36 -1.68 1.76 -4.15
N GLN C 37 -2.60 2.13 -3.26
CA GLN C 37 -2.35 3.25 -2.44
C GLN C 37 -1.48 2.95 -1.25
N VAL C 38 -1.58 1.72 -0.74
CA VAL C 38 -0.66 1.25 0.27
C VAL C 38 0.73 1.22 -0.32
N THR C 39 0.83 0.92 -1.60
CA THR C 39 2.14 0.85 -2.25
C THR C 39 2.76 2.23 -2.43
N GLN C 40 2.00 3.15 -3.05
CA GLN C 40 2.19 4.58 -2.78
C GLN C 40 2.06 4.60 -1.25
N ALA C 41 2.39 5.68 -0.55
CA ALA C 41 2.23 5.68 0.92
C ALA C 41 3.29 4.93 1.74
N SER C 42 3.70 3.76 1.30
CA SER C 42 4.75 3.07 2.03
C SER C 42 6.16 3.43 1.56
N ASN C 43 7.15 3.12 2.38
CA ASN C 43 8.51 3.53 2.03
C ASN C 43 9.52 2.41 1.73
N SER C 44 9.05 1.15 1.72
CA SER C 44 9.88 -0.01 1.42
C SER C 44 8.97 -1.19 1.16
N LEU C 45 9.55 -2.28 0.69
CA LEU C 45 8.82 -3.51 0.43
C LEU C 45 8.25 -4.08 1.71
N GLU C 46 9.12 -4.23 2.72
CA GLU C 46 8.74 -4.79 4.02
C GLU C 46 7.50 -4.07 4.55
N ALA C 47 7.53 -2.75 4.43
CA ALA C 47 6.45 -1.89 4.90
C ALA C 47 5.07 -2.29 4.36
N ILE C 48 4.96 -2.62 3.07
CA ILE C 48 3.65 -2.97 2.49
C ILE C 48 3.08 -4.36 2.86
N LEU C 49 3.85 -5.24 3.48
CA LEU C 49 3.44 -6.63 3.63
C LEU C 49 2.25 -6.89 4.54
N THR C 50 2.35 -6.45 5.79
CA THR C 50 1.25 -6.61 6.75
C THR C 50 0.00 -5.87 6.22
N PRO C 51 0.16 -4.64 5.74
CA PRO C 51 -1.10 -4.02 5.31
C PRO C 51 -1.76 -4.70 4.11
N ILE C 52 -0.95 -5.16 3.15
CA ILE C 52 -1.50 -5.84 2.02
C ILE C 52 -2.22 -7.08 2.52
N ALA C 53 -1.63 -7.81 3.47
CA ALA C 53 -2.30 -9.00 4.00
C ALA C 53 -3.63 -8.63 4.63
N THR C 54 -3.64 -7.53 5.36
CA THR C 54 -4.86 -7.06 6.02
C THR C 54 -5.96 -6.71 5.01
N ALA C 55 -5.59 -6.13 3.88
CA ALA C 55 -6.58 -5.80 2.83
C ALA C 55 -7.14 -7.05 2.19
N PHE C 56 -6.36 -8.13 2.17
CA PHE C 56 -6.84 -9.36 1.59
C PHE C 56 -7.77 -10.02 2.58
N ALA C 57 -7.42 -9.91 3.86
CA ALA C 57 -8.28 -10.48 4.86
C ALA C 57 -9.59 -9.72 4.91
N GLU C 58 -9.55 -8.40 4.70
CA GLU C 58 -10.79 -7.66 4.61
C GLU C 58 -11.67 -8.17 3.46
N SER C 59 -11.13 -8.14 2.24
CA SER C 59 -11.92 -8.45 1.05
C SER C 59 -12.55 -9.82 1.17
N PHE C 60 -11.80 -10.79 1.66
CA PHE C 60 -12.21 -12.17 1.62
C PHE C 60 -12.65 -12.75 2.95
N ALA C 61 -12.93 -11.90 3.93
CA ALA C 61 -13.46 -12.37 5.20
C ALA C 61 -12.79 -13.67 5.65
N VAL C 62 -11.49 -13.59 5.76
CA VAL C 62 -10.62 -14.72 5.97
C VAL C 62 -10.34 -14.86 7.46
N ASN C 63 -9.93 -16.04 7.90
CA ASN C 63 -9.44 -16.11 9.26
C ASN C 63 -8.01 -15.60 9.39
N ALA C 64 -7.12 -16.07 8.53
CA ALA C 64 -5.78 -15.56 8.53
C ALA C 64 -5.38 -15.34 7.09
N CYS C 65 -4.59 -14.30 6.86
CA CYS C 65 -3.96 -14.16 5.57
C CYS C 65 -2.47 -13.96 5.75
N ILE C 66 -1.68 -14.78 5.06
CA ILE C 66 -0.22 -14.66 5.10
C ILE C 66 0.32 -14.28 3.72
N LEU C 67 1.27 -13.35 3.71
CA LEU C 67 1.97 -12.99 2.49
C LEU C 67 3.45 -13.22 2.73
N GLN C 68 3.99 -14.31 2.18
CA GLN C 68 5.38 -14.69 2.47
C GLN C 68 6.24 -14.66 1.22
N LEU C 70 9.65 -15.46 -1.26
CA LEU C 70 10.44 -16.59 -1.64
C LEU C 70 11.86 -16.20 -1.91
N GLU C 71 12.80 -17.05 -1.59
CA GLU C 71 14.14 -16.91 -2.08
C GLU C 71 14.38 -18.15 -2.98
N GLY C 72 14.16 -17.99 -4.28
CA GLY C 72 14.19 -19.13 -5.19
C GLY C 72 12.89 -19.90 -5.02
N GLN C 73 13.02 -21.16 -4.63
CA GLN C 73 11.86 -21.98 -4.33
C GLN C 73 11.69 -22.22 -2.82
N THR C 74 12.49 -21.51 -2.01
CA THR C 74 12.42 -21.62 -0.56
C THR C 74 11.76 -20.39 0.08
N LEU C 75 10.75 -20.61 0.94
CA LEU C 75 10.10 -19.53 1.66
C LEU C 75 11.06 -18.83 2.61
N SER C 76 10.98 -17.50 2.69
CA SER C 76 11.90 -16.73 3.49
C SER C 76 11.25 -16.26 4.78
N THR C 77 12.02 -15.70 5.71
CA THR C 77 11.41 -15.20 6.95
C THR C 77 10.74 -13.84 6.74
N ILE C 78 10.93 -13.22 5.58
CA ILE C 78 10.25 -11.98 5.29
C ILE C 78 8.78 -12.25 4.99
N GLN C 79 7.88 -11.71 5.81
CA GLN C 79 6.45 -11.94 5.67
C GLN C 79 5.63 -10.86 6.32
N GLY C 80 4.36 -10.84 5.97
CA GLY C 80 3.39 -10.01 6.64
C GLY C 80 2.14 -10.88 6.76
N PHE C 81 1.42 -10.76 7.86
CA PHE C 81 0.18 -11.47 7.97
C PHE C 81 -0.84 -10.80 8.84
N TYR C 82 -2.09 -11.10 8.56
CA TYR C 82 -3.20 -10.72 9.42
C TYR C 82 -3.84 -11.97 10.00
N SER C 83 -4.16 -11.96 11.29
CA SER C 83 -5.09 -12.93 11.87
C SER C 83 -6.15 -12.20 12.63
N GLN C 84 -7.12 -12.99 13.07
CA GLN C 84 -8.15 -12.53 13.94
C GLN C 84 -7.68 -12.60 15.37
N GLN C 85 -6.83 -13.58 15.67
CA GLN C 85 -6.21 -13.66 17.00
C GLN C 85 -4.85 -12.96 17.06
N GLY C 86 -4.47 -12.31 15.97
CA GLY C 86 -3.16 -11.67 15.86
C GLY C 86 -2.04 -12.68 15.82
N THR C 87 -2.40 -13.95 15.90
CA THR C 87 -1.47 -15.05 16.06
C THR C 87 -1.55 -15.96 14.86
N VAL C 88 -0.41 -16.48 14.40
CA VAL C 88 -0.39 -17.65 13.50
C VAL C 88 0.81 -18.52 13.76
N ASN C 89 0.63 -19.82 13.52
CA ASN C 89 1.73 -20.74 13.24
C ASN C 89 1.90 -20.79 11.75
N ASN C 90 3.06 -20.36 11.28
CA ASN C 90 3.37 -20.39 9.86
C ASN C 90 4.03 -21.71 9.54
N TRP C 91 3.25 -22.63 8.99
CA TRP C 91 3.76 -23.95 8.66
C TRP C 91 3.69 -24.18 7.15
N LEU C 92 3.58 -23.10 6.40
CA LEU C 92 3.46 -23.17 4.95
C LEU C 92 4.65 -23.86 4.31
N ASN C 93 5.79 -23.86 4.99
CA ASN C 93 6.93 -24.58 4.45
C ASN C 93 6.66 -26.10 4.38
N GLN C 94 5.66 -26.58 5.12
CA GLN C 94 5.35 -28.02 5.15
C GLN C 94 4.03 -28.38 4.44
N ASP C 95 3.41 -27.38 3.85
CA ASP C 95 2.09 -27.56 3.30
C ASP C 95 2.10 -28.01 1.84
N PRO C 96 1.50 -29.17 1.54
CA PRO C 96 1.52 -29.66 0.17
C PRO C 96 0.88 -28.68 -0.78
N LEU C 97 -0.07 -27.88 -0.28
CA LEU C 97 -0.77 -26.95 -1.12
C LEU C 97 0.15 -25.82 -1.57
N THR C 98 0.82 -25.18 -0.60
CA THR C 98 1.81 -24.15 -0.88
C THR C 98 2.84 -24.72 -1.81
N ASN C 99 3.32 -25.92 -1.51
CA ASN C 99 4.32 -26.57 -2.32
C ASN C 99 3.96 -26.74 -3.78
N GLU C 100 2.71 -27.05 -4.02
CA GLU C 100 2.25 -27.28 -5.36
C GLU C 100 2.09 -25.92 -6.10
N ALA C 101 1.69 -24.89 -5.38
CA ALA C 101 1.63 -23.58 -5.99
C ALA C 101 3.01 -23.13 -6.48
N ILE C 102 4.03 -23.34 -5.65
CA ILE C 102 5.37 -22.94 -5.96
C ILE C 102 5.85 -23.72 -7.17
N ALA C 103 5.59 -25.03 -7.20
CA ALA C 103 6.13 -25.86 -8.29
C ALA C 103 5.43 -25.53 -9.61
N THR C 104 4.19 -25.09 -9.49
CA THR C 104 3.25 -25.12 -10.58
C THR C 104 2.97 -23.74 -11.13
N GLY C 105 3.08 -22.74 -10.27
CA GLY C 105 2.75 -21.41 -10.67
C GLY C 105 1.26 -21.20 -10.67
N GLN C 106 0.49 -22.20 -10.23
CA GLN C 106 -0.96 -22.05 -10.23
C GLN C 106 -1.50 -21.87 -8.84
N ILE C 107 -2.61 -21.14 -8.75
CA ILE C 107 -3.45 -21.06 -7.57
C ILE C 107 -3.85 -22.46 -7.18
N GLN C 108 -3.96 -22.71 -5.88
CA GLN C 108 -4.35 -24.02 -5.40
C GLN C 108 -5.41 -23.77 -4.38
N VAL C 109 -6.59 -24.29 -4.69
CA VAL C 109 -7.75 -24.15 -3.85
C VAL C 109 -8.00 -25.49 -3.20
N ALA C 110 -8.31 -25.46 -1.92
CA ALA C 110 -8.80 -26.60 -1.19
C ALA C 110 -10.00 -26.09 -0.41
N ALA C 111 -11.18 -26.25 -1.03
CA ALA C 111 -12.39 -25.72 -0.43
C ALA C 111 -12.91 -26.62 0.67
N ASN C 112 -12.38 -27.83 0.78
CA ASN C 112 -12.77 -28.67 1.88
C ASN C 112 -11.65 -29.57 2.37
N ILE C 113 -11.25 -29.34 3.62
CA ILE C 113 -10.14 -30.05 4.24
C ILE C 113 -10.58 -31.39 4.82
N ALA C 114 -11.72 -31.87 4.35
CA ALA C 114 -12.10 -33.27 4.57
C ALA C 114 -12.00 -34.05 3.27
N LYS C 115 -12.18 -33.33 2.15
CA LYS C 115 -12.35 -33.93 0.82
C LYS C 115 -11.11 -33.97 -0.10
N ASP C 116 -10.03 -33.27 0.29
CA ASP C 116 -8.75 -33.35 -0.43
C ASP C 116 -7.82 -34.37 0.23
N PRO C 117 -7.56 -35.50 -0.47
CA PRO C 117 -6.70 -36.57 0.03
C PRO C 117 -5.30 -36.14 0.52
N LYS C 118 -4.56 -35.39 -0.28
CA LYS C 118 -3.18 -35.05 0.08
C LYS C 118 -3.01 -34.07 1.26
N LEU C 119 -4.13 -33.68 1.91
CA LEU C 119 -4.13 -32.73 3.09
C LEU C 119 -4.92 -33.23 4.29
N ALA C 120 -5.99 -33.98 4.01
CA ALA C 120 -6.72 -34.73 5.02
C ALA C 120 -5.80 -35.85 5.52
N SER C 121 -4.51 -35.73 5.18
CA SER C 121 -3.47 -36.47 5.86
C SER C 121 -2.92 -35.55 6.97
N ILE C 122 -2.24 -34.49 6.53
CA ILE C 122 -1.53 -33.52 7.39
C ILE C 122 -2.11 -33.21 8.78
N SER C 123 -1.20 -33.10 9.74
CA SER C 123 -1.49 -32.63 11.08
C SER C 123 -1.94 -31.16 11.04
N GLN C 124 -1.02 -30.26 10.67
CA GLN C 124 -1.15 -28.80 10.85
C GLN C 124 -2.47 -28.15 10.50
N TYR C 125 -3.11 -28.68 9.45
CA TYR C 125 -4.42 -28.20 9.04
C TYR C 125 -5.47 -28.32 10.17
N GLN C 126 -5.78 -29.56 10.58
CA GLN C 126 -6.70 -29.85 11.70
C GLN C 126 -6.27 -29.24 13.06
N ASP C 127 -4.97 -29.26 13.33
CA ASP C 127 -4.41 -28.79 14.62
C ASP C 127 -4.40 -27.26 14.76
N ASN C 128 -5.04 -26.57 13.82
CA ASN C 128 -5.29 -25.14 13.93
C ASN C 128 -6.73 -24.82 13.53
N GLY C 129 -7.48 -25.88 13.18
CA GLY C 129 -8.85 -25.76 12.74
C GLY C 129 -9.03 -25.01 11.43
N ILE C 130 -8.05 -25.13 10.53
CA ILE C 130 -8.17 -24.62 9.18
C ILE C 130 -9.05 -25.61 8.42
N GLN C 131 -10.13 -25.11 7.82
CA GLN C 131 -11.08 -25.97 7.11
C GLN C 131 -11.09 -25.70 5.61
N SER C 132 -10.39 -24.65 5.19
CA SER C 132 -10.38 -24.22 3.80
C SER C 132 -9.07 -23.45 3.56
N HIS C 133 -8.52 -23.55 2.35
CA HIS C 133 -7.24 -22.91 2.09
C HIS C 133 -7.03 -22.58 0.64
N VAL C 134 -6.55 -21.37 0.38
CA VAL C 134 -6.19 -20.92 -0.96
C VAL C 134 -4.79 -20.35 -0.93
N VAL C 135 -3.91 -20.90 -1.76
CA VAL C 135 -2.59 -20.37 -1.88
C VAL C 135 -2.40 -20.01 -3.31
N ILE C 136 -1.90 -18.79 -3.55
CA ILE C 136 -1.60 -18.32 -4.89
C ILE C 136 -0.19 -17.76 -4.96
N PRO C 137 0.59 -18.16 -6.00
CA PRO C 137 1.91 -17.59 -6.27
C PRO C 137 1.79 -16.10 -6.51
N ILE C 138 2.83 -15.34 -6.19
CA ILE C 138 2.85 -13.91 -6.47
C ILE C 138 4.00 -13.70 -7.42
N THR C 139 3.68 -13.41 -8.67
CA THR C 139 4.67 -13.51 -9.72
C THR C 139 4.76 -12.20 -10.47
N TYR C 140 5.97 -11.70 -10.66
CA TYR C 140 6.14 -10.56 -11.54
C TYR C 140 6.77 -11.09 -12.82
N ARG C 141 6.17 -10.78 -13.97
CA ARG C 141 6.60 -11.40 -15.22
C ARG C 141 6.73 -12.89 -14.95
N ASN C 142 7.93 -13.47 -15.06
CA ASN C 142 8.04 -14.88 -14.65
C ASN C 142 8.72 -15.17 -13.33
N GLU C 143 8.85 -14.14 -12.52
CA GLU C 143 9.61 -14.26 -11.29
C GLU C 143 8.64 -14.46 -10.18
N LEU C 145 7.84 -14.18 -6.63
CA LEU C 145 8.38 -13.43 -5.53
C LEU C 145 7.92 -13.96 -4.20
N GLY C 146 6.76 -14.60 -4.16
CA GLY C 146 6.24 -15.05 -2.88
C GLY C 146 4.94 -15.79 -3.02
N VAL C 147 4.22 -15.88 -1.93
CA VAL C 147 3.06 -16.76 -1.88
C VAL C 147 2.03 -16.06 -1.01
N LEU C 148 0.76 -16.16 -1.38
CA LEU C 148 -0.31 -15.54 -0.62
C LEU C 148 -1.26 -16.63 -0.19
N SER C 149 -1.54 -16.69 1.10
CA SER C 149 -2.33 -17.76 1.66
C SER C 149 -3.53 -17.19 2.38
N LEU C 150 -4.71 -17.57 1.91
CA LEU C 150 -5.95 -17.16 2.54
C LEU C 150 -6.45 -18.40 3.19
N GLN C 151 -6.69 -18.36 4.50
CA GLN C 151 -7.20 -19.53 5.18
C GLN C 151 -8.44 -19.23 6.04
N TRP C 152 -9.33 -20.25 6.09
CA TRP C 152 -10.63 -20.15 6.75
C TRP C 152 -10.93 -21.26 7.73
N GLN C 153 -11.85 -20.99 8.65
CA GLN C 153 -12.24 -22.00 9.62
C GLN C 153 -13.53 -22.70 9.21
N GLN C 154 -14.16 -22.17 8.16
CA GLN C 154 -15.32 -22.76 7.51
C GLN C 154 -14.83 -23.29 6.19
N PRO C 155 -15.57 -24.24 5.59
CA PRO C 155 -15.39 -24.46 4.16
C PRO C 155 -16.02 -23.30 3.40
N ILE C 156 -15.49 -23.01 2.21
CA ILE C 156 -16.09 -22.00 1.34
C ILE C 156 -16.17 -22.45 -0.13
N SER C 157 -17.09 -21.87 -0.89
CA SER C 157 -17.09 -22.02 -2.35
C SER C 157 -16.82 -20.63 -2.91
N LEU C 158 -16.47 -20.56 -4.19
CA LEU C 158 -15.98 -19.28 -4.71
C LEU C 158 -16.53 -18.99 -6.09
N ARG C 159 -17.09 -17.79 -6.27
CA ARG C 159 -17.65 -17.36 -7.54
C ARG C 159 -16.57 -17.13 -8.58
N GLU C 160 -16.91 -17.34 -9.85
CA GLU C 160 -16.02 -16.99 -10.97
C GLU C 160 -15.25 -15.66 -10.76
N ASP C 161 -15.97 -14.56 -10.56
CA ASP C 161 -15.33 -13.25 -10.45
C ASP C 161 -14.47 -13.03 -9.18
N GLU C 162 -14.64 -13.88 -8.16
CA GLU C 162 -13.79 -13.86 -6.97
C GLU C 162 -12.43 -14.42 -7.30
N LEU C 163 -12.42 -15.66 -7.82
CA LEU C 163 -11.21 -16.26 -8.30
C LEU C 163 -10.51 -15.30 -9.28
N THR C 164 -11.26 -14.77 -10.24
CA THR C 164 -10.73 -13.71 -11.12
C THR C 164 -10.06 -12.56 -10.35
N LEU C 165 -10.67 -12.12 -9.24
CA LEU C 165 -10.13 -11.03 -8.46
C LEU C 165 -8.81 -11.44 -7.82
N ILE C 166 -8.78 -12.68 -7.32
CA ILE C 166 -7.59 -13.22 -6.68
C ILE C 166 -6.45 -13.24 -7.69
N HIS C 167 -6.69 -13.76 -8.88
CA HIS C 167 -5.66 -13.69 -9.91
C HIS C 167 -5.14 -12.29 -10.15
N LEU C 168 -6.08 -11.38 -10.40
CA LEU C 168 -5.81 -10.02 -10.76
C LEU C 168 -5.06 -9.28 -9.66
N SER C 169 -5.61 -9.31 -8.45
CA SER C 169 -4.99 -8.63 -7.36
C SER C 169 -3.60 -9.18 -7.03
N ALA C 170 -3.47 -10.51 -7.07
CA ALA C 170 -2.21 -11.15 -6.79
C ALA C 170 -1.18 -10.64 -7.80
N GLN C 171 -1.60 -10.43 -9.03
CA GLN C 171 -0.67 -9.94 -10.05
C GLN C 171 -0.23 -8.51 -9.75
N LEU C 172 -1.13 -7.72 -9.16
CA LEU C 172 -0.84 -6.35 -8.81
C LEU C 172 0.14 -6.27 -7.63
N VAL C 173 -0.10 -7.10 -6.61
CA VAL C 173 0.80 -7.21 -5.48
C VAL C 173 2.18 -7.45 -6.06
N ALA C 174 2.30 -8.31 -7.06
CA ALA C 174 3.62 -8.56 -7.59
C ALA C 174 4.21 -7.26 -8.16
N ILE C 175 3.38 -6.48 -8.84
CA ILE C 175 3.88 -5.24 -9.40
C ILE C 175 4.23 -4.28 -8.27
N ALA C 176 3.33 -4.17 -7.28
CA ALA C 176 3.59 -3.41 -6.09
C ALA C 176 4.97 -3.79 -5.45
N LEU C 177 5.10 -5.00 -4.92
CA LEU C 177 6.39 -5.46 -4.43
C LEU C 177 7.56 -5.03 -5.31
N THR C 178 7.52 -5.39 -6.59
CA THR C 178 8.65 -5.14 -7.48
C THR C 178 8.96 -3.65 -7.67
N SER C 179 7.95 -2.80 -7.51
CA SER C 179 8.17 -1.36 -7.64
C SER C 179 9.13 -0.84 -6.57
N SER C 180 9.03 -1.38 -5.36
CA SER C 180 10.00 -1.05 -4.27
C SER C 180 11.43 -1.59 -4.53
N ARG C 181 11.59 -2.90 -4.69
CA ARG C 181 12.94 -3.43 -4.88
C ARG C 181 13.01 -4.54 -5.91
N CYS C 182 13.91 -4.39 -6.87
CA CYS C 182 14.17 -5.41 -7.91
C CYS C 182 14.62 -6.77 -7.36
N SER C 183 15.44 -6.75 -6.29
CA SER C 183 15.88 -7.94 -5.56
C SER C 183 15.42 -7.81 -4.09
N LEU C 184 15.41 -8.91 -3.34
CA LEU C 184 14.77 -8.94 -2.01
C LEU C 184 15.68 -8.45 -0.86
#